data_4JDU
#
_entry.id   4JDU
#
_cell.length_a   39.277
_cell.length_b   49.871
_cell.length_c   85.451
_cell.angle_alpha   90.00
_cell.angle_beta   90.00
_cell.angle_gamma   90.00
#
_symmetry.space_group_name_H-M   'P 21 21 21'
#
loop_
_entity.id
_entity.type
_entity.pdbx_description
1 polymer 'Aerotolerance-related membrane protein'
2 non-polymer 'FORMIC ACID'
3 non-polymer 'CALCIUM ION'
4 water water
#
_entity_poly.entity_id   1
_entity_poly.type   'polypeptide(L)'
_entity_poly.pdbx_seq_one_letter_code
;SNAVKRKGVEV(MSE)IALDISNS(MSE)LAQDVQPSRLEKA(MLY)RLISKLVDG(MSE)ENDKVG(MSE)IVFAGDAF
TQLPITSDYISAK(MSE)FLESISPSLISKQGTAIGAAINLAARSFTPQEGVGRAIVVITDGENHEGGAVAAAKSSSSSG
IQVNVLGVGLPDGAPIPIEGSNDFRRDREGNVIVTRLNEA(MSE)CQEIAKEGNGIYIRVDNSNSAQKAINQEINK
(MSE)AKSDVE
;
_entity_poly.pdbx_strand_id   A
#
loop_
_chem_comp.id
_chem_comp.type
_chem_comp.name
_chem_comp.formula
CA non-polymer 'CALCIUM ION' 'Ca 2'
FMT non-polymer 'FORMIC ACID' 'C H2 O2'
#
# COMPACT_ATOMS: atom_id res chain seq x y z
N GLY A 8 -20.60 3.75 -7.24
CA GLY A 8 -19.32 4.15 -6.69
C GLY A 8 -18.85 3.25 -5.57
N VAL A 9 -17.53 3.11 -5.43
CA VAL A 9 -16.92 2.28 -4.40
C VAL A 9 -16.04 3.18 -3.53
N GLU A 10 -15.88 2.83 -2.25
CA GLU A 10 -14.93 3.53 -1.41
C GLU A 10 -13.62 2.74 -1.41
N VAL A 11 -12.51 3.43 -1.67
CA VAL A 11 -11.21 2.78 -1.76
C VAL A 11 -10.24 3.38 -0.77
N MSE A 12 -9.72 2.57 0.15
CA MSE A 12 -8.71 3.05 1.07
CA MSE A 12 -8.71 3.02 1.10
C MSE A 12 -7.34 2.51 0.66
O MSE A 12 -7.10 1.30 0.66
CB MSE A 12 -9.01 2.65 2.52
CB MSE A 12 -9.02 2.52 2.51
CG MSE A 12 -7.92 3.05 3.48
CG MSE A 12 -10.20 3.19 3.20
SE MSE A 12 -7.65 4.99 3.51
SE MSE A 12 -9.96 5.11 3.49
CE MSE A 12 -9.41 5.53 4.09
CE MSE A 12 -8.10 5.18 4.00
N ILE A 13 -6.46 3.43 0.28
N ILE A 13 -6.48 3.44 0.28
CA ILE A 13 -5.10 3.06 -0.06
CA ILE A 13 -5.09 3.12 -0.03
C ILE A 13 -4.27 3.01 1.21
C ILE A 13 -4.32 2.98 1.27
N ALA A 14 -3.54 1.91 1.40
CA ALA A 14 -2.60 1.81 2.51
C ALA A 14 -1.21 1.71 1.93
N LEU A 15 -0.44 2.80 2.04
CA LEU A 15 0.87 2.90 1.41
C LEU A 15 1.99 2.69 2.41
N ASP A 16 2.82 1.69 2.13
CA ASP A 16 4.05 1.44 2.89
C ASP A 16 5.05 2.57 2.65
N ILE A 17 5.43 3.29 3.70
CA ILE A 17 6.47 4.31 3.59
C ILE A 17 7.68 3.98 4.47
N SER A 18 7.82 2.69 4.76
CA SER A 18 8.97 2.21 5.54
C SER A 18 10.25 2.34 4.74
N ASN A 19 11.37 2.22 5.43
CA ASN A 19 12.67 2.49 4.83
CA ASN A 19 12.66 2.50 4.82
C ASN A 19 12.97 1.62 3.60
N SER A 20 12.52 0.38 3.61
CA SER A 20 12.81 -0.51 2.48
C SER A 20 12.21 -0.02 1.16
N MSE A 21 11.18 0.81 1.24
CA MSE A 21 10.55 1.36 0.04
C MSE A 21 11.45 2.35 -0.70
O MSE A 21 11.16 2.74 -1.83
CB MSE A 21 9.19 1.98 0.38
CG MSE A 21 8.20 0.94 0.95
SE MSE A 21 7.50 -0.21 -0.46
CE MSE A 21 6.34 1.09 -1.33
N LEU A 22 12.56 2.74 -0.09
CA LEU A 22 13.51 3.60 -0.77
C LEU A 22 14.48 2.84 -1.68
N ALA A 23 14.42 1.51 -1.65
CA ALA A 23 15.21 0.71 -2.60
C ALA A 23 14.87 1.09 -4.04
N GLN A 24 15.88 1.04 -4.90
CA GLN A 24 15.76 1.51 -6.28
C GLN A 24 15.84 0.38 -7.30
N ASP A 25 15.41 -0.81 -6.89
CA ASP A 25 15.35 -1.93 -7.83
C ASP A 25 14.28 -1.73 -8.90
N VAL A 26 13.28 -0.93 -8.58
CA VAL A 26 12.34 -0.44 -9.59
C VAL A 26 12.43 1.09 -9.64
N GLN A 27 12.30 1.64 -10.83
CA GLN A 27 12.61 3.04 -11.12
C GLN A 27 11.43 3.95 -10.81
N PRO A 28 11.69 5.11 -10.17
CA PRO A 28 13.01 5.49 -9.66
C PRO A 28 13.28 4.95 -8.25
N SER A 29 12.23 4.53 -7.54
CA SER A 29 12.37 3.74 -6.32
C SER A 29 11.04 3.08 -6.10
N ARG A 30 10.97 2.16 -5.13
CA ARG A 30 9.69 1.50 -4.84
C ARG A 30 8.67 2.54 -4.41
N LEU A 31 9.07 3.46 -3.54
CA LEU A 31 8.15 4.49 -3.07
C LEU A 31 7.70 5.42 -4.20
N GLU A 32 8.62 5.85 -5.05
CA GLU A 32 8.22 6.76 -6.12
C GLU A 32 7.34 6.06 -7.14
N LYS A 33 7.59 4.78 -7.39
CA LYS A 33 6.75 4.03 -8.29
C LYS A 33 5.36 3.92 -7.68
N ALA A 34 5.30 3.68 -6.37
CA ALA A 34 4.03 3.57 -5.67
C ALA A 34 3.25 4.89 -5.73
N MLY A 35 3.95 6.01 -5.57
CA MLY A 35 3.30 7.32 -5.62
CB MLY A 35 4.30 8.43 -5.23
CG MLY A 35 4.59 8.43 -3.73
CD MLY A 35 5.87 9.16 -3.35
CE MLY A 35 5.85 10.61 -3.74
NZ MLY A 35 7.18 11.27 -3.48
CH1 MLY A 35 7.08 12.62 -4.02
CH2 MLY A 35 7.41 11.37 -2.03
C MLY A 35 2.69 7.59 -6.99
O MLY A 35 1.55 8.07 -7.09
N ARG A 36 3.41 7.26 -8.05
CA ARG A 36 2.87 7.44 -9.40
C ARG A 36 1.71 6.52 -9.69
N LEU A 37 1.73 5.32 -9.12
CA LEU A 37 0.62 4.40 -9.28
C LEU A 37 -0.64 4.98 -8.63
N ILE A 38 -0.50 5.50 -7.43
CA ILE A 38 -1.63 6.09 -6.70
C ILE A 38 -2.18 7.27 -7.48
N SER A 39 -1.29 8.10 -8.01
CA SER A 39 -1.70 9.23 -8.83
C SER A 39 -2.52 8.78 -10.05
N LYS A 40 -2.04 7.75 -10.74
CA LYS A 40 -2.77 7.22 -11.88
C LYS A 40 -4.11 6.66 -11.46
N LEU A 41 -4.09 5.94 -10.34
CA LEU A 41 -5.28 5.29 -9.81
C LEU A 41 -6.40 6.29 -9.54
N VAL A 42 -6.07 7.39 -8.86
CA VAL A 42 -7.08 8.39 -8.55
C VAL A 42 -7.52 9.19 -9.80
N ASP A 43 -6.59 9.45 -10.72
CA ASP A 43 -6.92 10.16 -11.95
C ASP A 43 -7.87 9.33 -12.81
N GLY A 44 -7.87 8.02 -12.59
CA GLY A 44 -8.76 7.12 -13.31
C GLY A 44 -10.06 6.83 -12.58
N MSE A 45 -10.35 7.58 -11.52
CA MSE A 45 -11.61 7.45 -10.79
C MSE A 45 -12.65 8.44 -11.31
O MSE A 45 -12.31 9.52 -11.79
CB MSE A 45 -11.40 7.68 -9.30
CG MSE A 45 -10.65 6.57 -8.60
SE MSE A 45 -10.42 6.95 -6.70
CE MSE A 45 -9.66 5.25 -6.18
N GLU A 46 -13.91 8.06 -11.20
CA GLU A 46 -15.01 8.92 -11.61
C GLU A 46 -16.06 9.06 -10.50
N ASN A 47 -16.56 7.93 -10.02
CA ASN A 47 -17.66 7.92 -9.05
C ASN A 47 -17.21 7.50 -7.65
N ASP A 48 -15.99 7.00 -7.57
CA ASP A 48 -15.47 6.42 -6.33
C ASP A 48 -15.03 7.50 -5.34
N LYS A 49 -14.85 7.09 -4.09
CA LYS A 49 -14.21 7.93 -3.09
C LYS A 49 -12.90 7.26 -2.70
N VAL A 50 -11.91 8.06 -2.33
CA VAL A 50 -10.60 7.52 -1.99
C VAL A 50 -10.05 8.13 -0.70
N GLY A 51 -9.33 7.30 0.06
CA GLY A 51 -8.62 7.77 1.23
CA GLY A 51 -8.62 7.77 1.23
C GLY A 51 -7.22 7.23 1.22
N MSE A 52 -6.36 7.74 2.09
CA MSE A 52 -5.00 7.23 2.16
C MSE A 52 -4.43 7.15 3.55
O MSE A 52 -4.41 8.14 4.30
CB MSE A 52 -4.06 8.05 1.27
CG MSE A 52 -2.63 7.44 1.22
SE MSE A 52 -1.47 8.12 -0.17
CE MSE A 52 -1.48 9.98 0.33
N ILE A 53 -3.94 5.96 3.86
CA ILE A 53 -3.19 5.64 5.05
C ILE A 53 -1.74 5.45 4.65
N VAL A 54 -0.81 5.93 5.48
CA VAL A 54 0.60 5.55 5.32
C VAL A 54 1.02 4.71 6.52
N PHE A 55 1.97 3.81 6.31
CA PHE A 55 2.43 2.98 7.41
C PHE A 55 3.89 2.58 7.33
N ALA A 56 4.47 2.36 8.50
CA ALA A 56 5.74 1.68 8.62
C ALA A 56 5.57 0.78 9.83
N GLY A 57 6.17 1.14 10.97
CA GLY A 57 5.97 0.39 12.19
C GLY A 57 4.58 0.62 12.78
N ASP A 58 3.99 1.76 12.43
CA ASP A 58 2.62 2.06 12.82
C ASP A 58 1.90 2.64 11.61
N ALA A 59 0.58 2.72 11.68
CA ALA A 59 -0.22 3.22 10.56
C ALA A 59 -0.98 4.48 10.95
N PHE A 60 -1.11 5.39 9.99
CA PHE A 60 -1.80 6.67 10.20
C PHE A 60 -2.62 7.04 8.99
N THR A 61 -3.78 7.65 9.23
CA THR A 61 -4.60 8.15 8.14
C THR A 61 -4.23 9.58 7.76
N GLN A 62 -3.64 9.75 6.58
CA GLN A 62 -3.34 11.09 6.10
C GLN A 62 -4.58 11.72 5.51
N LEU A 63 -5.28 10.96 4.68
CA LEU A 63 -6.43 11.50 3.97
C LEU A 63 -7.65 10.63 4.24
N PRO A 64 -8.61 11.15 5.02
CA PRO A 64 -9.88 10.46 5.17
C PRO A 64 -10.59 10.32 3.83
N ILE A 65 -11.42 9.30 3.70
CA ILE A 65 -12.15 9.01 2.47
CA ILE A 65 -12.11 9.01 2.47
C ILE A 65 -12.82 10.27 1.93
N THR A 66 -12.61 10.56 0.65
CA THR A 66 -13.10 11.81 0.07
C THR A 66 -13.34 11.69 -1.43
N SER A 67 -14.15 12.61 -1.97
CA SER A 67 -14.36 12.69 -3.41
CA SER A 67 -14.38 12.71 -3.40
C SER A 67 -13.34 13.62 -4.05
N ASP A 68 -12.49 14.22 -3.22
CA ASP A 68 -11.47 15.16 -3.73
C ASP A 68 -10.23 14.39 -4.18
N TYR A 69 -10.28 13.87 -5.41
CA TYR A 69 -9.18 13.08 -5.97
C TYR A 69 -7.89 13.89 -6.06
N ILE A 70 -8.02 15.16 -6.41
CA ILE A 70 -6.84 16.00 -6.62
C ILE A 70 -6.10 16.20 -5.29
N SER A 71 -6.85 16.36 -4.21
CA SER A 71 -6.24 16.46 -2.89
C SER A 71 -5.36 15.25 -2.59
N ALA A 72 -5.84 14.06 -2.95
CA ALA A 72 -5.07 12.84 -2.77
C ALA A 72 -3.72 12.94 -3.47
N LYS A 73 -3.74 13.40 -4.73
CA LYS A 73 -2.50 13.56 -5.48
C LYS A 73 -1.53 14.51 -4.78
N MSE A 74 -2.08 15.54 -4.15
CA MSE A 74 -1.27 16.54 -3.46
C MSE A 74 -0.58 15.98 -2.21
O MSE A 74 0.57 16.33 -1.93
CB MSE A 74 -2.11 17.78 -3.15
CG MSE A 74 -2.65 18.46 -4.41
SE MSE A 74 -1.22 19.15 -5.55
CE MSE A 74 -1.01 17.68 -6.81
N PHE A 75 -1.27 15.13 -1.46
CA PHE A 75 -0.65 14.46 -0.32
C PHE A 75 0.58 13.64 -0.72
N LEU A 76 0.55 13.04 -1.91
CA LEU A 76 1.71 12.28 -2.38
C LEU A 76 3.00 13.11 -2.40
N GLU A 77 2.91 14.38 -2.80
CA GLU A 77 4.11 15.20 -2.94
C GLU A 77 4.84 15.42 -1.62
N SER A 78 4.09 15.40 -0.52
CA SER A 78 4.68 15.74 0.78
CA SER A 78 4.61 15.74 0.81
C SER A 78 5.02 14.53 1.63
N ILE A 79 4.85 13.32 1.08
CA ILE A 79 5.16 12.10 1.83
C ILE A 79 6.62 12.13 2.31
N SER A 80 6.81 11.82 3.58
CA SER A 80 8.12 11.93 4.23
C SER A 80 8.40 10.70 5.07
N PRO A 81 9.15 9.74 4.52
CA PRO A 81 9.52 8.55 5.30
C PRO A 81 10.36 8.91 6.52
N SER A 82 11.00 10.09 6.51
CA SER A 82 11.75 10.58 7.68
C SER A 82 10.87 10.90 8.88
N LEU A 83 9.55 10.80 8.72
CA LEU A 83 8.60 11.25 9.76
C LEU A 83 7.44 10.30 10.08
N ILE A 84 7.66 8.99 9.97
CA ILE A 84 6.63 8.07 10.41
C ILE A 84 6.99 7.54 11.81
N LYS A 86 7.03 5.32 14.09
CA LYS A 86 7.84 4.16 14.35
C LYS A 86 8.29 3.49 13.06
N GLN A 87 9.58 3.18 12.97
CA GLN A 87 10.11 2.45 11.83
C GLN A 87 9.69 0.98 11.89
N GLY A 88 9.85 0.26 10.80
CA GLY A 88 9.42 -1.13 10.74
C GLY A 88 8.37 -1.31 9.66
N THR A 89 7.71 -2.47 9.68
CA THR A 89 6.70 -2.79 8.67
C THR A 89 5.50 -3.56 9.23
N ALA A 90 4.37 -2.87 9.32
CA ALA A 90 3.18 -3.38 10.02
C ALA A 90 1.94 -3.39 9.13
N ILE A 91 1.92 -4.31 8.16
CA ILE A 91 0.82 -4.40 7.21
C ILE A 91 -0.51 -4.69 7.90
N GLY A 92 -0.50 -5.57 8.90
CA GLY A 92 -1.72 -5.91 9.62
C GLY A 92 -2.34 -4.69 10.29
N ALA A 93 -1.50 -3.90 10.95
CA ALA A 93 -1.99 -2.68 11.58
C ALA A 93 -2.62 -1.74 10.56
N ALA A 94 -2.02 -1.66 9.37
CA ALA A 94 -2.54 -0.80 8.30
C ALA A 94 -3.89 -1.29 7.77
N ILE A 95 -4.01 -2.61 7.59
CA ILE A 95 -5.29 -3.18 7.13
C ILE A 95 -6.38 -2.98 8.17
N ASN A 96 -6.03 -3.22 9.44
CA ASN A 96 -6.98 -3.01 10.53
C ASN A 96 -7.48 -1.57 10.57
N LEU A 97 -6.57 -0.61 10.41
CA LEU A 97 -6.94 0.78 10.43
C LEU A 97 -7.83 1.11 9.23
N ALA A 98 -7.43 0.62 8.06
CA ALA A 98 -8.21 0.83 6.84
C ALA A 98 -9.64 0.29 6.95
N ALA A 99 -9.76 -0.91 7.54
CA ALA A 99 -11.07 -1.56 7.65
C ALA A 99 -12.04 -0.76 8.50
N ARG A 100 -11.51 0.08 9.37
CA ARG A 100 -12.31 0.90 10.26
C ARG A 100 -12.46 2.33 9.78
N SER A 101 -12.04 2.58 8.54
CA SER A 101 -11.95 3.95 8.03
C SER A 101 -12.95 4.30 6.94
N PHE A 102 -13.84 3.38 6.61
CA PHE A 102 -14.85 3.62 5.59
C PHE A 102 -16.04 4.38 6.17
N THR A 103 -16.83 5.01 5.30
CA THR A 103 -18.03 5.71 5.75
C THR A 103 -19.15 4.72 5.99
N PRO A 104 -20.07 5.06 6.90
CA PRO A 104 -21.21 4.16 7.13
C PRO A 104 -22.20 4.09 5.96
N GLN A 105 -21.95 4.82 4.86
CA GLN A 105 -22.89 4.92 3.75
C GLN A 105 -23.45 3.59 3.27
N GLU A 106 -24.78 3.48 3.24
CA GLU A 106 -25.46 2.21 3.02
C GLU A 106 -25.19 1.55 1.66
N GLY A 107 -24.87 0.26 1.70
CA GLY A 107 -24.74 -0.54 0.50
C GLY A 107 -23.73 -0.02 -0.50
N VAL A 108 -22.55 0.33 -0.01
CA VAL A 108 -21.47 0.77 -0.88
C VAL A 108 -20.33 -0.23 -0.83
N GLY A 109 -19.70 -0.48 -1.98
CA GLY A 109 -18.54 -1.33 -2.01
C GLY A 109 -17.39 -0.72 -1.25
N ARG A 110 -16.59 -1.56 -0.59
CA ARG A 110 -15.43 -1.10 0.14
C ARG A 110 -14.22 -1.95 -0.26
N ALA A 111 -13.13 -1.29 -0.65
CA ALA A 111 -11.91 -1.99 -1.03
C ALA A 111 -10.69 -1.34 -0.40
N ILE A 112 -9.77 -2.18 0.05
CA ILE A 112 -8.48 -1.72 0.56
C ILE A 112 -7.43 -2.09 -0.46
N VAL A 113 -6.53 -1.16 -0.76
CA VAL A 113 -5.41 -1.43 -1.66
C VAL A 113 -4.11 -1.18 -0.92
N VAL A 114 -3.45 -2.28 -0.54
CA VAL A 114 -2.16 -2.21 0.15
C VAL A 114 -1.05 -2.15 -0.88
N ILE A 115 -0.18 -1.14 -0.78
CA ILE A 115 0.96 -0.97 -1.69
C ILE A 115 2.26 -1.07 -0.89
N THR A 116 3.03 -2.12 -1.17
CA THR A 116 4.11 -2.51 -0.27
C THR A 116 5.10 -3.43 -0.98
N ASP A 117 6.28 -3.58 -0.41
CA ASP A 117 7.21 -4.59 -0.89
C ASP A 117 7.00 -5.90 -0.12
N GLY A 118 6.05 -5.86 0.82
CA GLY A 118 5.63 -7.06 1.50
C GLY A 118 6.62 -7.60 2.49
N GLU A 119 7.74 -6.90 2.66
CA GLU A 119 8.72 -7.28 3.68
C GLU A 119 8.13 -7.05 5.05
N ASN A 120 7.06 -7.80 5.36
CA ASN A 120 6.39 -7.68 6.64
C ASN A 120 7.30 -8.19 7.74
N HIS A 121 7.24 -7.53 8.89
CA HIS A 121 8.07 -7.88 10.04
CA HIS A 121 8.06 -7.97 10.00
C HIS A 121 7.19 -8.49 11.13
N GLU A 122 6.06 -7.84 11.38
CA GLU A 122 5.12 -8.28 12.39
C GLU A 122 4.20 -9.37 11.85
N GLY A 123 3.52 -10.09 12.75
CA GLY A 123 2.55 -11.08 12.33
C GLY A 123 1.15 -10.47 12.27
N GLY A 124 0.22 -11.17 11.64
CA GLY A 124 -1.17 -10.74 11.66
C GLY A 124 -1.71 -10.06 10.42
N ALA A 125 -0.88 -9.89 9.39
CA ALA A 125 -1.35 -9.31 8.14
C ALA A 125 -2.39 -10.20 7.47
N VAL A 126 -2.13 -11.50 7.42
CA VAL A 126 -3.06 -12.45 6.82
C VAL A 126 -4.37 -12.47 7.62
N ALA A 127 -4.27 -12.53 8.94
CA ALA A 127 -5.44 -12.51 9.82
C ALA A 127 -6.24 -11.23 9.64
N ALA A 128 -5.55 -10.11 9.49
CA ALA A 128 -6.24 -8.84 9.26
C ALA A 128 -7.00 -8.86 7.93
N ALA A 129 -6.38 -9.43 6.90
CA ALA A 129 -7.03 -9.54 5.60
C ALA A 129 -8.27 -10.41 5.68
N LYS A 130 -8.15 -11.54 6.39
CA LYS A 130 -9.29 -12.43 6.61
C LYS A 130 -10.45 -11.72 7.31
N SER A 131 -10.12 -10.98 8.37
CA SER A 131 -11.13 -10.26 9.13
CA SER A 131 -11.13 -10.26 9.13
C SER A 131 -11.85 -9.25 8.25
N SER A 132 -11.07 -8.53 7.45
CA SER A 132 -11.61 -7.54 6.53
CA SER A 132 -11.61 -7.54 6.53
C SER A 132 -12.56 -8.18 5.52
N SER A 133 -12.09 -9.20 4.81
CA SER A 133 -12.89 -9.79 3.76
C SER A 133 -14.14 -10.48 4.31
N SER A 134 -14.03 -11.08 5.49
CA SER A 134 -15.18 -11.69 6.16
CA SER A 134 -15.18 -11.70 6.13
C SER A 134 -16.30 -10.67 6.30
N SER A 135 -15.91 -9.44 6.59
CA SER A 135 -16.90 -8.38 6.78
C SER A 135 -17.36 -7.74 5.47
N GLY A 136 -16.81 -8.23 4.35
CA GLY A 136 -17.19 -7.76 3.03
C GLY A 136 -16.23 -6.76 2.41
N ILE A 137 -15.15 -6.43 3.12
CA ILE A 137 -14.17 -5.45 2.64
C ILE A 137 -13.01 -6.15 1.94
N GLN A 138 -12.93 -6.00 0.63
CA GLN A 138 -11.88 -6.64 -0.16
C GLN A 138 -10.51 -6.06 0.14
N VAL A 139 -9.50 -6.92 0.20
CA VAL A 139 -8.12 -6.46 0.36
C VAL A 139 -7.28 -6.92 -0.82
N ASN A 140 -6.78 -5.91 -1.55
CA ASN A 140 -5.91 -6.10 -2.71
C ASN A 140 -4.49 -5.71 -2.33
N VAL A 141 -3.53 -6.30 -3.01
CA VAL A 141 -2.14 -5.98 -2.74
C VAL A 141 -1.38 -5.69 -4.03
N LEU A 142 -0.72 -4.53 -4.09
CA LEU A 142 0.18 -4.19 -5.18
C LEU A 142 1.60 -4.29 -4.64
N GLY A 143 2.35 -5.25 -5.17
CA GLY A 143 3.70 -5.48 -4.71
C GLY A 143 4.68 -4.68 -5.53
N VAL A 144 5.48 -3.85 -4.87
CA VAL A 144 6.48 -3.08 -5.60
CA VAL A 144 6.47 -3.03 -5.55
C VAL A 144 7.87 -3.51 -5.20
N GLY A 145 8.70 -3.70 -6.21
CA GLY A 145 10.06 -4.16 -6.00
C GLY A 145 10.30 -5.43 -6.79
N LEU A 146 11.51 -5.95 -6.69
CA LEU A 146 11.88 -7.20 -7.35
C LEU A 146 12.25 -8.24 -6.31
N PRO A 147 12.06 -9.52 -6.64
CA PRO A 147 12.42 -10.53 -5.64
C PRO A 147 13.93 -10.68 -5.44
N ASP A 148 14.74 -10.20 -6.39
CA ASP A 148 16.19 -10.44 -6.41
C ASP A 148 16.89 -9.88 -5.19
N GLY A 149 16.64 -8.60 -4.91
CA GLY A 149 17.24 -7.92 -3.77
C GLY A 149 18.01 -6.68 -4.15
N ALA A 150 17.71 -5.56 -3.49
CA ALA A 150 18.49 -4.34 -3.66
C ALA A 150 18.79 -3.71 -2.30
N PRO A 151 19.86 -2.91 -2.21
CA PRO A 151 20.14 -2.17 -0.97
C PRO A 151 19.28 -0.91 -0.87
N ILE A 152 19.32 -0.26 0.28
CA ILE A 152 18.51 0.94 0.51
C ILE A 152 19.44 2.17 0.55
N PRO A 153 19.37 3.03 -0.47
CA PRO A 153 20.25 4.21 -0.49
C PRO A 153 19.85 5.25 0.54
N ILE A 154 20.87 5.95 1.03
CA ILE A 154 20.71 7.05 1.96
C ILE A 154 20.88 8.36 1.20
N GLU A 155 19.86 9.23 1.26
CA GLU A 155 19.95 10.53 0.57
C GLU A 155 21.15 11.33 1.05
N GLY A 156 21.86 11.94 0.12
CA GLY A 156 23.02 12.75 0.45
C GLY A 156 24.21 11.94 0.93
N SER A 157 24.21 10.65 0.63
CA SER A 157 25.28 9.74 1.04
C SER A 157 25.59 8.77 -0.07
N ASN A 158 26.85 8.36 -0.18
CA ASN A 158 27.20 7.32 -1.13
C ASN A 158 26.91 5.92 -0.60
N ASP A 159 26.50 5.85 0.65
CA ASP A 159 26.33 4.55 1.30
C ASP A 159 24.86 4.13 1.37
N PHE A 160 24.66 2.90 1.86
CA PHE A 160 23.35 2.28 1.96
C PHE A 160 23.08 1.96 3.43
N ARG A 161 21.82 1.71 3.76
CA ARG A 161 21.45 1.38 5.12
C ARG A 161 22.07 0.06 5.56
N ARG A 162 22.59 0.02 6.79
CA ARG A 162 23.23 -1.16 7.33
C ARG A 162 22.54 -1.65 8.59
N ASP A 163 22.67 -2.94 8.86
CA ASP A 163 22.14 -3.52 10.09
C ASP A 163 23.08 -3.24 11.27
N ARG A 164 22.76 -3.82 12.43
CA ARG A 164 23.54 -3.59 13.64
C ARG A 164 24.96 -4.13 13.55
N GLU A 165 25.18 -5.07 12.64
CA GLU A 165 26.52 -5.67 12.47
C GLU A 165 27.32 -4.92 11.40
N GLY A 166 26.71 -3.90 10.81
CA GLY A 166 27.41 -3.03 9.87
C GLY A 166 27.37 -3.50 8.43
N ASN A 167 26.57 -4.52 8.17
CA ASN A 167 26.45 -5.03 6.81
C ASN A 167 25.31 -4.38 6.05
N VAL A 168 25.48 -4.23 4.74
CA VAL A 168 24.44 -3.63 3.90
C VAL A 168 23.17 -4.47 3.94
N ILE A 169 22.05 -3.80 4.25
CA ILE A 169 20.74 -4.44 4.22
C ILE A 169 20.29 -4.66 2.79
N VAL A 170 19.85 -5.87 2.49
CA VAL A 170 19.24 -6.14 1.20
C VAL A 170 17.77 -6.44 1.42
N THR A 171 16.92 -5.69 0.73
CA THR A 171 15.47 -5.86 0.82
C THR A 171 14.92 -6.45 -0.46
N ARG A 172 14.01 -7.42 -0.31
CA ARG A 172 13.44 -8.14 -1.45
C ARG A 172 11.92 -8.06 -1.42
N LEU A 173 11.31 -7.99 -2.61
CA LEU A 173 9.86 -8.16 -2.70
C LEU A 173 9.51 -9.53 -2.15
N ASN A 174 8.59 -9.56 -1.18
CA ASN A 174 8.10 -10.82 -0.64
C ASN A 174 6.80 -11.18 -1.30
N GLU A 175 6.88 -11.81 -2.46
CA GLU A 175 5.70 -12.05 -3.26
C GLU A 175 4.75 -13.04 -2.61
N ALA A 176 5.29 -14.10 -2.02
CA ALA A 176 4.45 -15.12 -1.39
C ALA A 176 3.54 -14.51 -0.33
N MSE A 177 4.10 -13.64 0.50
CA MSE A 177 3.34 -12.96 1.55
C MSE A 177 2.26 -12.08 0.94
O MSE A 177 1.11 -12.11 1.38
CB MSE A 177 4.27 -12.13 2.45
CG MSE A 177 3.57 -11.20 3.44
SE MSE A 177 2.34 -12.03 4.71
CE MSE A 177 3.50 -13.38 5.53
N CYS A 178 2.61 -11.30 -0.08
CA CYS A 178 1.62 -10.42 -0.69
C CYS A 178 0.49 -11.22 -1.31
N GLN A 179 0.83 -12.34 -1.96
CA GLN A 179 -0.18 -13.17 -2.60
C GLN A 179 -1.13 -13.78 -1.57
N GLU A 180 -0.61 -14.16 -0.42
CA GLU A 180 -1.46 -14.80 0.58
C GLU A 180 -2.41 -13.76 1.18
N ILE A 181 -1.91 -12.55 1.38
CA ILE A 181 -2.74 -11.47 1.91
C ILE A 181 -3.91 -11.17 0.97
N ALA A 182 -3.63 -11.05 -0.33
CA ALA A 182 -4.68 -10.79 -1.29
C ALA A 182 -5.67 -11.95 -1.37
N LYS A 183 -5.15 -13.19 -1.34
CA LYS A 183 -6.03 -14.36 -1.36
C LYS A 183 -7.00 -14.34 -0.19
N GLU A 184 -6.46 -14.16 1.02
CA GLU A 184 -7.32 -14.20 2.20
C GLU A 184 -8.20 -12.96 2.28
N GLY A 185 -7.80 -11.89 1.59
CA GLY A 185 -8.60 -10.68 1.50
C GLY A 185 -9.62 -10.69 0.38
N ASN A 186 -9.77 -11.83 -0.30
CA ASN A 186 -10.65 -11.97 -1.45
CA ASN A 186 -10.68 -11.95 -1.44
C ASN A 186 -10.39 -10.89 -2.49
N GLY A 187 -9.11 -10.55 -2.66
CA GLY A 187 -8.73 -9.52 -3.61
C GLY A 187 -7.71 -10.04 -4.60
N ILE A 188 -7.09 -9.12 -5.32
CA ILE A 188 -6.11 -9.43 -6.34
CA ILE A 188 -6.08 -9.54 -6.28
C ILE A 188 -4.70 -9.07 -5.86
N TYR A 189 -3.69 -9.80 -6.32
CA TYR A 189 -2.30 -9.39 -6.16
C TYR A 189 -1.73 -9.05 -7.53
N ILE A 190 -1.03 -7.92 -7.61
CA ILE A 190 -0.33 -7.54 -8.83
C ILE A 190 1.08 -7.15 -8.47
N ARG A 191 2.06 -7.75 -9.15
CA ARG A 191 3.43 -7.26 -9.04
C ARG A 191 3.59 -6.06 -9.97
N VAL A 192 3.85 -4.90 -9.37
CA VAL A 192 3.87 -3.66 -10.14
C VAL A 192 5.08 -3.55 -11.03
N ASP A 193 4.85 -3.41 -12.33
CA ASP A 193 5.93 -3.07 -13.25
C ASP A 193 5.55 -1.86 -14.09
N ASN A 194 4.64 -2.01 -15.03
CA ASN A 194 4.01 -0.85 -15.64
C ASN A 194 2.92 -0.32 -14.71
N SER A 195 3.18 0.83 -14.07
CA SER A 195 2.26 1.40 -13.10
C SER A 195 0.91 1.76 -13.72
N ASN A 196 0.92 2.13 -14.99
CA ASN A 196 -0.31 2.42 -15.72
C ASN A 196 -1.13 1.14 -15.96
N SER A 197 -0.43 0.05 -16.23
CA SER A 197 -1.07 -1.25 -16.41
C SER A 197 -1.57 -1.83 -15.09
N ALA A 198 -0.75 -1.71 -14.04
CA ALA A 198 -1.17 -2.14 -12.71
C ALA A 198 -2.43 -1.38 -12.28
N GLN A 199 -2.43 -0.08 -12.57
CA GLN A 199 -3.58 0.79 -12.27
C GLN A 199 -4.87 0.29 -12.89
N LYS A 200 -4.80 -0.10 -14.16
CA LYS A 200 -6.00 -0.56 -14.86
C LYS A 200 -6.53 -1.85 -14.24
N ALA A 201 -5.62 -2.75 -13.90
CA ALA A 201 -6.01 -4.03 -13.34
C ALA A 201 -6.66 -3.86 -11.96
N ILE A 202 -6.13 -2.93 -11.17
CA ILE A 202 -6.69 -2.71 -9.85
C ILE A 202 -8.05 -1.98 -9.95
N ASN A 203 -8.17 -1.03 -10.86
CA ASN A 203 -9.45 -0.37 -11.13
C ASN A 203 -10.48 -1.37 -11.64
N GLN A 204 -10.01 -2.33 -12.43
CA GLN A 204 -10.86 -3.38 -12.96
C GLN A 204 -11.41 -4.29 -11.86
N GLU A 205 -10.55 -4.63 -10.90
CA GLU A 205 -10.96 -5.45 -9.76
C GLU A 205 -11.90 -4.67 -8.84
N ILE A 206 -11.59 -3.39 -8.63
CA ILE A 206 -12.39 -2.52 -7.78
C ILE A 206 -13.79 -2.31 -8.36
N ASN A 207 -13.86 -2.18 -9.68
CA ASN A 207 -15.14 -1.91 -10.36
C ASN A 207 -16.06 -3.13 -10.47
N LYS A 208 -15.88 -4.07 -9.54
CA LYS A 208 -16.80 -5.19 -9.40
C LYS A 208 -17.43 -5.12 -8.01
N MSE A 209 -17.05 -4.09 -7.27
CA MSE A 209 -17.56 -3.83 -5.92
C MSE A 209 -18.81 -2.96 -6.00
O MSE A 209 -19.19 -2.48 -7.07
CB MSE A 209 -16.48 -3.12 -5.10
CG MSE A 209 -16.39 -3.56 -3.64
SE MSE A 209 -14.99 -4.85 -3.31
CE MSE A 209 -16.09 -6.37 -2.77
C FMT B . 26.84 5.53 6.20
O1 FMT B . 26.44 5.20 7.32
O2 FMT B . 28.00 5.38 5.80
CA CA C . 9.64 -2.28 4.94
CA CA C . 8.10 -2.93 3.86
#